data_3IEZ
#
_entry.id   3IEZ
#
_cell.length_a   45.083
_cell.length_b   47.256
_cell.length_c   46.661
_cell.angle_alpha   90.000
_cell.angle_beta   95.510
_cell.angle_gamma   90.000
#
_symmetry.space_group_name_H-M   'P 1 21 1'
#
loop_
_entity.id
_entity.type
_entity.pdbx_description
1 polymer 'Ras GTPase-activating-like protein IQGAP2'
2 non-polymer 'UNKNOWN ATOM OR ION'
3 water water
#
_entity_poly.entity_id   1
_entity_poly.type   'polypeptide(L)'
_entity_poly.pdbx_seq_one_letter_code
;MHHHHHHSSGRENLYFQGAKPVKYTAAKLHEKGVLLDIDDLQTNQFKNVTFDIIATEDVGIFDVRSKFLGVEMEKVQLNI
QDLLQMQYEGVAVMKMFDKVKVNVNLLIYLLNKK
;
_entity_poly.pdbx_strand_id   A,B
#
loop_
_chem_comp.id
_chem_comp.type
_chem_comp.name
_chem_comp.formula
UNX non-polymer 'UNKNOWN ATOM OR ION' ?
#
# COMPACT_ATOMS: atom_id res chain seq x y z
N LYS A 20 -25.06 -3.57 9.34
CA LYS A 20 -24.42 -2.23 9.43
C LYS A 20 -23.12 -2.17 8.62
N PRO A 21 -23.14 -1.53 7.44
CA PRO A 21 -21.89 -1.28 6.71
C PRO A 21 -20.82 -0.51 7.47
N VAL A 22 -19.56 -0.90 7.30
CA VAL A 22 -18.44 -0.05 7.67
C VAL A 22 -18.00 0.59 6.35
N LYS A 23 -17.83 1.89 6.36
CA LYS A 23 -17.56 2.69 5.17
C LYS A 23 -16.13 3.19 5.21
N TYR A 24 -15.45 3.08 4.07
CA TYR A 24 -14.13 3.68 3.86
C TYR A 24 -14.06 4.34 2.51
N THR A 25 -13.56 5.57 2.44
CA THR A 25 -13.31 6.17 1.15
C THR A 25 -12.08 5.55 0.53
N ALA A 26 -12.01 5.60 -0.78
CA ALA A 26 -10.83 5.14 -1.49
C ALA A 26 -9.64 5.92 -1.01
N ALA A 27 -9.81 7.21 -0.80
CA ALA A 27 -8.69 8.01 -0.31
C ALA A 27 -8.15 7.56 1.04
N LYS A 28 -9.01 7.24 2.02
CA LYS A 28 -8.58 6.69 3.32
C LYS A 28 -7.82 5.35 3.15
N LEU A 29 -8.38 4.46 2.34
CA LEU A 29 -7.73 3.17 2.10
C LEU A 29 -6.37 3.34 1.40
N HIS A 30 -6.25 4.33 0.51
CA HIS A 30 -4.99 4.66 -0.20
C HIS A 30 -3.98 5.18 0.81
N GLU A 31 -4.39 6.12 1.66
CA GLU A 31 -3.53 6.63 2.70
C GLU A 31 -3.00 5.50 3.58
N LYS A 32 -3.89 4.60 4.00
CA LYS A 32 -3.55 3.48 4.90
C LYS A 32 -2.66 2.40 4.27
N GLY A 33 -2.64 2.35 2.95
CA GLY A 33 -1.88 1.32 2.21
C GLY A 33 -2.68 0.10 1.80
N VAL A 34 -3.93 0.04 2.25
CA VAL A 34 -4.81 -1.05 1.81
C VAL A 34 -5.05 -0.98 0.32
N LEU A 35 -5.26 0.22 -0.21
CA LEU A 35 -5.53 0.38 -1.61
CA LEU A 35 -5.55 0.42 -1.61
C LEU A 35 -4.27 0.93 -2.29
N LEU A 36 -3.85 0.28 -3.38
CA LEU A 36 -2.70 0.77 -4.16
C LEU A 36 -3.13 1.74 -5.26
N ASP A 37 -4.15 1.39 -6.03
CA ASP A 37 -4.53 2.20 -7.18
C ASP A 37 -5.89 1.78 -7.70
N ILE A 38 -6.52 2.67 -8.47
CA ILE A 38 -7.73 2.39 -9.20
C ILE A 38 -7.43 2.80 -10.65
N ASP A 39 -7.44 1.82 -11.53
CA ASP A 39 -7.09 2.02 -12.94
C ASP A 39 -8.09 3.02 -13.53
N ASP A 40 -7.60 4.03 -14.23
CA ASP A 40 -8.47 4.95 -15.00
C ASP A 40 -9.27 5.88 -14.09
N LEU A 41 -8.73 6.12 -12.90
CA LEU A 41 -9.28 7.10 -12.01
C LEU A 41 -8.14 7.99 -11.60
N GLN A 42 -8.30 9.29 -11.83
CA GLN A 42 -7.32 10.26 -11.42
C GLN A 42 -7.33 10.26 -9.91
N THR A 43 -6.18 10.46 -9.28
CA THR A 43 -6.10 10.38 -7.82
C THR A 43 -6.97 11.47 -7.19
N ASN A 44 -7.24 12.54 -7.96
CA ASN A 44 -8.17 13.61 -7.54
C ASN A 44 -9.66 13.21 -7.61
N GLN A 45 -9.92 11.97 -7.98
CA GLN A 45 -11.25 11.40 -7.95
CA GLN A 45 -11.26 11.42 -7.94
C GLN A 45 -11.40 10.32 -6.89
N PHE A 46 -10.33 10.01 -6.13
CA PHE A 46 -10.45 8.92 -5.12
C PHE A 46 -11.45 9.25 -4.01
N LYS A 47 -11.61 10.55 -3.75
CA LYS A 47 -12.56 11.02 -2.75
C LYS A 47 -14.00 10.66 -3.15
N ASN A 48 -14.20 10.44 -4.44
CA ASN A 48 -15.55 10.16 -4.96
C ASN A 48 -15.90 8.70 -4.95
N VAL A 49 -14.94 7.87 -4.56
CA VAL A 49 -15.13 6.43 -4.42
C VAL A 49 -15.21 6.05 -2.96
N THR A 50 -16.28 5.33 -2.60
N THR A 50 -16.22 5.30 -2.60
CA THR A 50 -16.49 4.75 -1.25
CA THR A 50 -16.26 4.72 -1.29
C THR A 50 -16.79 3.25 -1.26
C THR A 50 -16.50 3.23 -1.42
N PHE A 51 -16.17 2.54 -0.33
CA PHE A 51 -16.40 1.11 -0.19
C PHE A 51 -17.22 0.87 1.05
N ASP A 52 -18.33 0.15 0.94
CA ASP A 52 -19.07 -0.31 2.11
C ASP A 52 -18.72 -1.79 2.33
N ILE A 53 -18.33 -2.12 3.54
CA ILE A 53 -17.95 -3.52 3.87
C ILE A 53 -18.99 -4.01 4.85
N ILE A 54 -19.70 -5.06 4.47
CA ILE A 54 -20.85 -5.53 5.20
C ILE A 54 -20.62 -6.99 5.63
N ALA A 55 -20.85 -7.27 6.91
CA ALA A 55 -20.81 -8.64 7.37
C ALA A 55 -21.92 -9.46 6.73
N THR A 56 -21.70 -10.76 6.66
CA THR A 56 -22.70 -11.70 6.16
C THR A 56 -22.94 -12.78 7.20
N GLU A 57 -23.83 -13.70 6.87
CA GLU A 57 -24.16 -14.81 7.78
C GLU A 57 -23.02 -15.84 7.91
N ASP A 58 -21.95 -15.68 7.14
CA ASP A 58 -20.72 -16.49 7.33
C ASP A 58 -19.64 -15.61 7.95
N VAL A 59 -19.01 -16.07 9.02
CA VAL A 59 -17.97 -15.28 9.69
C VAL A 59 -16.80 -15.01 8.76
N GLY A 60 -16.56 -15.87 7.77
CA GLY A 60 -15.43 -15.65 6.86
C GLY A 60 -15.70 -14.77 5.66
N ILE A 61 -16.95 -14.34 5.45
CA ILE A 61 -17.31 -13.74 4.18
C ILE A 61 -17.87 -12.35 4.35
N PHE A 62 -17.31 -11.42 3.55
CA PHE A 62 -17.69 -9.99 3.57
C PHE A 62 -18.22 -9.54 2.23
N ASP A 63 -19.29 -8.75 2.28
CA ASP A 63 -19.95 -8.18 1.10
C ASP A 63 -19.39 -6.77 0.93
N VAL A 64 -18.65 -6.55 -0.14
CA VAL A 64 -18.01 -5.26 -0.38
C VAL A 64 -18.70 -4.58 -1.55
N ARG A 65 -19.26 -3.41 -1.30
CA ARG A 65 -19.86 -2.58 -2.36
C ARG A 65 -18.97 -1.41 -2.73
N SER A 66 -18.82 -1.18 -4.01
CA SER A 66 -18.01 -0.10 -4.57
C SER A 66 -18.95 0.98 -5.06
N LYS A 67 -18.84 2.15 -4.47
CA LYS A 67 -19.75 3.28 -4.82
C LYS A 67 -18.94 4.37 -5.50
N PHE A 68 -19.57 5.07 -6.45
CA PHE A 68 -18.98 6.19 -7.11
C PHE A 68 -20.01 7.31 -7.04
N LEU A 69 -19.64 8.44 -6.45
CA LEU A 69 -20.59 9.57 -6.23
C LEU A 69 -21.92 9.06 -5.68
N GLY A 70 -21.82 8.15 -4.71
CA GLY A 70 -22.99 7.69 -3.98
C GLY A 70 -23.74 6.54 -4.63
N VAL A 71 -23.31 6.15 -5.82
CA VAL A 71 -23.96 5.16 -6.66
C VAL A 71 -23.19 3.82 -6.54
N GLU A 72 -23.87 2.73 -6.22
CA GLU A 72 -23.24 1.40 -6.21
C GLU A 72 -22.97 0.97 -7.63
N MET A 73 -21.71 0.74 -7.96
CA MET A 73 -21.23 0.39 -9.31
C MET A 73 -20.92 -1.09 -9.44
N GLU A 74 -20.49 -1.73 -8.35
CA GLU A 74 -20.20 -3.14 -8.38
CA GLU A 74 -19.98 -3.10 -8.39
C GLU A 74 -20.04 -3.64 -6.97
N LYS A 75 -20.01 -4.94 -6.82
CA LYS A 75 -19.99 -5.59 -5.51
C LYS A 75 -19.22 -6.89 -5.67
N VAL A 76 -18.60 -7.31 -4.57
CA VAL A 76 -17.82 -8.55 -4.55
C VAL A 76 -17.99 -9.17 -3.20
N GLN A 77 -18.07 -10.49 -3.13
CA GLN A 77 -18.05 -11.21 -1.87
C GLN A 77 -16.66 -11.74 -1.67
N LEU A 78 -16.05 -11.38 -0.55
CA LEU A 78 -14.68 -11.76 -0.26
C LEU A 78 -14.68 -12.75 0.90
N ASN A 79 -14.13 -13.91 0.65
CA ASN A 79 -13.92 -14.93 1.67
C ASN A 79 -12.48 -14.80 2.17
N ILE A 80 -12.33 -14.50 3.46
CA ILE A 80 -10.98 -14.30 4.05
C ILE A 80 -10.12 -15.53 3.83
N GLN A 81 -10.68 -16.73 3.66
CA GLN A 81 -9.82 -17.87 3.36
CA GLN A 81 -9.91 -17.98 3.27
C GLN A 81 -9.21 -17.83 1.95
N ASP A 82 -9.89 -17.21 1.00
CA ASP A 82 -9.31 -17.03 -0.32
C ASP A 82 -8.12 -16.07 -0.23
N LEU A 83 -8.20 -15.06 0.63
CA LEU A 83 -7.14 -14.10 0.86
C LEU A 83 -5.95 -14.79 1.53
N LEU A 84 -6.26 -15.68 2.46
CA LEU A 84 -5.20 -16.42 3.19
C LEU A 84 -4.49 -17.33 2.21
N GLN A 85 -5.20 -17.91 1.24
CA GLN A 85 -4.56 -18.81 0.22
C GLN A 85 -3.58 -17.97 -0.60
N MET A 86 -3.94 -16.73 -0.89
CA MET A 86 -3.04 -15.81 -1.61
C MET A 86 -1.80 -15.52 -0.81
N GLN A 87 -1.95 -15.25 0.47
CA GLN A 87 -0.85 -15.00 1.43
C GLN A 87 0.09 -16.24 1.41
N TYR A 88 -0.45 -17.41 0.98
CA TYR A 88 0.34 -18.70 0.73
C TYR A 88 0.96 -18.97 -0.64
N GLU A 89 0.46 -18.38 -1.70
CA GLU A 89 1.23 -18.38 -2.91
C GLU A 89 2.35 -17.30 -2.75
N GLY A 90 2.43 -16.60 -1.60
CA GLY A 90 3.28 -15.40 -1.38
C GLY A 90 2.89 -14.18 -2.22
N VAL A 91 1.58 -14.00 -2.41
CA VAL A 91 1.01 -12.94 -3.23
C VAL A 91 0.68 -11.78 -2.31
N ALA A 92 1.21 -10.61 -2.63
CA ALA A 92 1.04 -9.42 -1.84
C ALA A 92 -0.16 -8.58 -2.17
N VAL A 93 -0.61 -8.63 -3.42
CA VAL A 93 -1.66 -7.76 -3.92
C VAL A 93 -2.62 -8.53 -4.82
N MET A 94 -3.85 -8.06 -4.85
CA MET A 94 -4.95 -8.64 -5.65
CA MET A 94 -4.89 -8.63 -5.70
C MET A 94 -5.76 -7.52 -6.27
N LYS A 95 -6.68 -7.90 -7.15
CA LYS A 95 -7.58 -6.93 -7.77
C LYS A 95 -8.97 -7.21 -7.25
N MET A 96 -9.39 -6.43 -6.24
CA MET A 96 -10.61 -6.64 -5.48
C MET A 96 -11.75 -6.37 -6.40
N PHE A 97 -11.54 -5.44 -7.29
CA PHE A 97 -12.41 -5.21 -8.48
C PHE A 97 -11.45 -5.10 -9.62
N ASP A 98 -11.93 -5.31 -10.85
CA ASP A 98 -11.04 -5.43 -12.02
C ASP A 98 -10.10 -4.25 -12.15
N LYS A 99 -10.41 -3.18 -11.43
CA LYS A 99 -9.67 -1.93 -11.55
CA LYS A 99 -9.74 -1.90 -11.54
C LYS A 99 -9.01 -1.53 -10.23
N VAL A 100 -9.32 -2.26 -9.16
CA VAL A 100 -8.98 -1.80 -7.80
C VAL A 100 -7.94 -2.74 -7.19
N LYS A 101 -6.70 -2.28 -7.13
CA LYS A 101 -5.60 -3.07 -6.59
C LYS A 101 -5.47 -2.82 -5.11
N VAL A 102 -5.44 -3.91 -4.33
CA VAL A 102 -5.37 -3.87 -2.88
C VAL A 102 -4.30 -4.80 -2.33
N ASN A 103 -3.81 -4.44 -1.15
CA ASN A 103 -2.80 -5.21 -0.41
C ASN A 103 -3.49 -6.29 0.42
N VAL A 104 -3.11 -7.55 0.16
CA VAL A 104 -3.75 -8.72 0.72
C VAL A 104 -3.62 -8.66 2.25
N ASN A 105 -2.41 -8.54 2.78
CA ASN A 105 -2.23 -8.60 4.24
C ASN A 105 -2.98 -7.50 4.92
N LEU A 106 -2.96 -6.29 4.40
CA LEU A 106 -3.63 -5.18 5.06
C LEU A 106 -5.15 -5.32 4.96
N LEU A 107 -5.65 -5.89 3.86
CA LEU A 107 -7.06 -6.14 3.73
C LEU A 107 -7.55 -7.18 4.73
N ILE A 108 -6.81 -8.27 4.90
CA ILE A 108 -7.20 -9.31 5.86
C ILE A 108 -7.31 -8.63 7.25
N TYR A 109 -6.35 -7.80 7.61
CA TYR A 109 -6.34 -7.15 8.94
C TYR A 109 -7.58 -6.27 9.06
N LEU A 110 -7.88 -5.51 8.02
CA LEU A 110 -9.03 -4.60 7.98
CA LEU A 110 -9.02 -4.61 8.02
C LEU A 110 -10.33 -5.36 8.18
N LEU A 111 -10.48 -6.47 7.48
CA LEU A 111 -11.70 -7.28 7.52
C LEU A 111 -11.83 -7.90 8.90
N ASN A 112 -10.72 -8.23 9.55
CA ASN A 112 -10.77 -8.87 10.85
C ASN A 112 -10.91 -7.86 12.01
N LYS A 113 -10.92 -6.57 11.71
CA LYS A 113 -10.94 -5.51 12.74
C LYS A 113 -12.37 -5.06 13.00
N LYS B 20 24.90 1.36 11.20
CA LYS B 20 24.22 0.03 11.19
C LYS B 20 22.95 0.08 10.33
N PRO B 21 23.07 -0.15 9.01
CA PRO B 21 21.85 -0.08 8.22
C PRO B 21 20.82 -1.13 8.62
N VAL B 22 19.56 -0.77 8.41
CA VAL B 22 18.46 -1.69 8.48
C VAL B 22 18.11 -2.01 7.04
N LYS B 23 18.02 -3.29 6.72
CA LYS B 23 17.75 -3.76 5.36
C LYS B 23 16.38 -4.42 5.21
N TYR B 24 15.73 -4.13 4.07
CA TYR B 24 14.48 -4.76 3.68
C TYR B 24 14.51 -5.15 2.22
N THR B 25 14.03 -6.34 1.89
CA THR B 25 13.81 -6.64 0.49
C THR B 25 12.58 -5.96 -0.04
N ALA B 26 12.52 -5.77 -1.35
CA ALA B 26 11.33 -5.17 -1.97
C ALA B 26 10.14 -6.10 -1.77
N ALA B 27 10.38 -7.39 -1.79
CA ALA B 27 9.29 -8.34 -1.55
C ALA B 27 8.65 -8.14 -0.14
N LYS B 28 9.47 -7.98 0.89
CA LYS B 28 8.94 -7.74 2.22
C LYS B 28 8.22 -6.41 2.30
N LEU B 29 8.77 -5.37 1.66
CA LEU B 29 8.09 -4.08 1.71
C LEU B 29 6.74 -4.12 0.94
N HIS B 30 6.65 -4.92 -0.12
CA HIS B 30 5.44 -5.06 -0.91
C HIS B 30 4.38 -5.78 -0.06
N GLU B 31 4.78 -6.89 0.57
CA GLU B 31 3.89 -7.60 1.50
CA GLU B 31 3.92 -7.61 1.52
C GLU B 31 3.33 -6.70 2.58
N LYS B 32 4.19 -5.86 3.17
CA LYS B 32 3.79 -4.93 4.22
C LYS B 32 2.90 -3.78 3.76
N GLY B 33 2.92 -3.47 2.48
CA GLY B 33 2.20 -2.34 1.91
C GLY B 33 2.97 -1.04 1.82
N VAL B 34 4.22 -1.05 2.28
CA VAL B 34 5.09 0.10 2.09
C VAL B 34 5.40 0.36 0.62
N LEU B 35 5.67 -0.71 -0.09
CA LEU B 35 6.00 -0.62 -1.49
CA LEU B 35 6.00 -0.65 -1.50
C LEU B 35 4.80 -1.03 -2.33
N LEU B 36 4.47 -0.21 -3.31
CA LEU B 36 3.39 -0.50 -4.26
C LEU B 36 3.93 -1.27 -5.51
N ASP B 37 4.93 -0.71 -6.16
CA ASP B 37 5.45 -1.35 -7.39
C ASP B 37 6.82 -0.82 -7.73
N ILE B 38 7.53 -1.59 -8.56
CA ILE B 38 8.84 -1.21 -9.14
C ILE B 38 8.63 -1.35 -10.66
N ASP B 39 8.75 -0.23 -11.36
CA ASP B 39 8.52 -0.21 -12.80
C ASP B 39 9.54 -1.11 -13.46
N ASP B 40 9.08 -1.85 -14.48
CA ASP B 40 9.92 -2.72 -15.31
C ASP B 40 10.48 -3.95 -14.63
N LEU B 41 10.11 -4.24 -13.37
CA LEU B 41 10.58 -5.42 -12.69
C LEU B 41 9.41 -6.32 -12.37
N GLN B 42 9.49 -7.57 -12.80
CA GLN B 42 8.48 -8.57 -12.51
C GLN B 42 8.40 -8.73 -11.03
N THR B 43 7.19 -8.91 -10.54
CA THR B 43 6.97 -9.02 -9.11
C THR B 43 7.73 -10.16 -8.48
N ASN B 44 7.85 -11.28 -9.22
CA ASN B 44 8.60 -12.39 -8.73
C ASN B 44 10.11 -12.15 -8.62
N GLN B 45 10.57 -10.98 -9.06
CA GLN B 45 11.98 -10.59 -8.91
C GLN B 45 12.19 -9.58 -7.78
N PHE B 46 11.14 -9.27 -7.04
CA PHE B 46 11.28 -8.28 -5.97
C PHE B 46 12.26 -8.69 -4.87
N LYS B 47 12.47 -9.99 -4.66
CA LYS B 47 13.52 -10.47 -3.70
C LYS B 47 14.95 -10.02 -4.04
N ASN B 48 15.15 -9.67 -5.31
CA ASN B 48 16.47 -9.23 -5.78
C ASN B 48 16.77 -7.76 -5.60
N VAL B 49 15.78 -6.99 -5.12
CA VAL B 49 15.96 -5.59 -4.77
C VAL B 49 15.93 -5.46 -3.27
N THR B 50 16.90 -4.75 -2.73
CA THR B 50 16.90 -4.45 -1.29
CA THR B 50 16.95 -4.47 -1.29
C THR B 50 17.06 -2.98 -1.08
N PHE B 51 16.53 -2.50 0.03
CA PHE B 51 16.63 -1.12 0.44
C PHE B 51 17.33 -1.06 1.78
N ASP B 52 18.40 -0.30 1.87
CA ASP B 52 19.13 -0.11 3.12
C ASP B 52 18.75 1.25 3.67
N ILE B 53 18.37 1.30 4.95
CA ILE B 53 17.94 2.54 5.56
C ILE B 53 18.94 2.92 6.61
N ILE B 54 19.51 4.11 6.50
CA ILE B 54 20.52 4.57 7.46
C ILE B 54 20.16 5.95 8.01
N ALA B 55 20.09 6.06 9.34
CA ALA B 55 20.08 7.36 10.01
C ALA B 55 21.31 8.17 9.60
N THR B 56 21.10 9.46 9.35
CA THR B 56 22.23 10.35 9.11
C THR B 56 22.59 11.06 10.43
N GLU B 57 23.62 11.87 10.37
CA GLU B 57 23.98 12.77 11.49
C GLU B 57 22.84 13.73 11.86
N ASP B 58 22.07 14.16 10.87
CA ASP B 58 20.96 15.11 11.10
C ASP B 58 19.79 14.23 11.50
N VAL B 59 19.43 14.27 12.78
CA VAL B 59 18.31 13.48 13.24
C VAL B 59 17.02 14.04 12.61
N GLY B 60 16.42 13.19 11.80
CA GLY B 60 15.23 13.49 11.05
C GLY B 60 15.47 13.38 9.56
N ILE B 61 16.70 13.15 9.16
CA ILE B 61 17.01 12.91 7.73
C ILE B 61 17.50 11.47 7.58
N PHE B 62 16.92 10.73 6.63
CA PHE B 62 17.26 9.33 6.40
C PHE B 62 17.86 9.14 5.04
N ASP B 63 18.83 8.25 4.98
CA ASP B 63 19.52 7.89 3.76
C ASP B 63 18.98 6.52 3.35
N VAL B 64 18.34 6.44 2.19
CA VAL B 64 17.79 5.20 1.66
C VAL B 64 18.52 4.81 0.40
N ARG B 65 19.12 3.64 0.39
CA ARG B 65 19.83 3.14 -0.81
C ARG B 65 19.05 2.00 -1.42
N SER B 66 18.96 2.03 -2.73
CA SER B 66 18.30 0.99 -3.51
C SER B 66 19.38 0.14 -4.12
N LYS B 67 19.30 -1.16 -3.86
CA LYS B 67 20.27 -2.15 -4.41
C LYS B 67 19.59 -3.17 -5.30
N PHE B 68 20.32 -3.65 -6.30
CA PHE B 68 19.85 -4.72 -7.18
C PHE B 68 20.98 -5.73 -7.21
N LEU B 69 20.68 -6.96 -6.81
CA LEU B 69 21.67 -8.00 -6.72
C LEU B 69 22.91 -7.51 -5.99
N GLY B 70 22.68 -6.78 -4.90
CA GLY B 70 23.78 -6.27 -4.05
C GLY B 70 24.54 -5.06 -4.56
N VAL B 71 24.18 -4.55 -5.73
CA VAL B 71 24.83 -3.37 -6.33
C VAL B 71 23.96 -2.16 -6.02
N GLU B 72 24.55 -1.10 -5.48
CA GLU B 72 23.81 0.14 -5.22
C GLU B 72 23.51 0.80 -6.53
N MET B 73 22.23 1.08 -6.76
CA MET B 73 21.74 1.68 -7.98
C MET B 73 21.34 3.14 -7.82
N GLU B 74 20.74 3.45 -6.67
CA GLU B 74 20.31 4.82 -6.37
C GLU B 74 20.38 5.09 -4.87
N LYS B 75 20.45 6.36 -4.51
CA LYS B 75 20.38 6.79 -3.11
C LYS B 75 19.50 8.04 -3.03
N VAL B 76 18.71 8.14 -1.97
CA VAL B 76 17.86 9.31 -1.73
C VAL B 76 17.90 9.68 -0.26
N GLN B 77 17.85 10.96 0.02
CA GLN B 77 17.70 11.42 1.39
C GLN B 77 16.26 11.90 1.58
N LEU B 78 15.68 11.47 2.69
CA LEU B 78 14.31 11.81 3.04
C LEU B 78 14.26 12.54 4.36
N ASN B 79 13.50 13.62 4.42
CA ASN B 79 13.37 14.49 5.57
C ASN B 79 12.00 14.20 6.17
N ILE B 80 11.97 13.84 7.45
CA ILE B 80 10.72 13.58 8.14
C ILE B 80 9.72 14.71 8.11
N GLN B 81 10.18 15.95 8.14
CA GLN B 81 9.23 17.06 8.13
CA GLN B 81 9.28 17.15 8.13
C GLN B 81 8.56 17.12 6.77
N ASP B 82 9.30 16.82 5.69
CA ASP B 82 8.71 16.82 4.36
C ASP B 82 7.68 15.72 4.21
N LEU B 83 7.99 14.53 4.72
CA LEU B 83 7.04 13.42 4.64
C LEU B 83 5.79 13.72 5.46
N LEU B 84 5.96 14.29 6.64
CA LEU B 84 4.78 14.68 7.41
C LEU B 84 3.93 15.73 6.71
N GLN B 85 4.56 16.68 6.03
CA GLN B 85 3.82 17.65 5.26
C GLN B 85 3.01 16.96 4.18
N MET B 86 3.63 16.00 3.48
CA MET B 86 2.90 15.23 2.47
C MET B 86 1.67 14.60 3.09
N GLN B 87 1.82 14.00 4.27
CA GLN B 87 0.71 13.32 4.95
C GLN B 87 -0.38 14.32 5.28
N TYR B 88 -0.03 15.47 5.82
CA TYR B 88 -1.04 16.46 6.12
C TYR B 88 -1.78 16.97 4.90
N GLU B 89 -1.15 16.97 3.74
CA GLU B 89 -1.76 17.44 2.50
CA GLU B 89 -1.79 17.44 2.53
C GLU B 89 -2.48 16.34 1.74
N GLY B 90 -2.53 15.14 2.30
CA GLY B 90 -3.27 14.01 1.75
C GLY B 90 -2.57 13.32 0.60
N VAL B 91 -1.25 13.48 0.50
CA VAL B 91 -0.48 12.71 -0.48
C VAL B 91 -0.24 11.32 0.10
N ALA B 92 -0.87 10.32 -0.51
CA ALA B 92 -0.80 8.95 0.01
C ALA B 92 0.44 8.21 -0.45
N VAL B 93 0.92 8.53 -1.63
CA VAL B 93 2.02 7.79 -2.25
C VAL B 93 3.03 8.69 -2.91
N MET B 94 4.22 8.14 -3.14
N MET B 94 4.22 8.15 -3.16
CA MET B 94 5.33 8.91 -3.70
CA MET B 94 5.25 8.91 -3.82
C MET B 94 6.30 8.00 -4.45
C MET B 94 6.29 8.01 -4.46
N LYS B 95 6.97 8.52 -5.47
CA LYS B 95 8.03 7.82 -6.21
C LYS B 95 9.35 8.09 -5.51
N MET B 96 9.68 7.27 -4.52
CA MET B 96 10.86 7.41 -3.68
C MET B 96 12.12 7.31 -4.52
N PHE B 97 12.07 6.46 -5.54
CA PHE B 97 13.04 6.42 -6.63
C PHE B 97 12.26 6.46 -7.94
N ASP B 98 12.96 6.73 -9.05
CA ASP B 98 12.33 6.91 -10.35
C ASP B 98 11.27 5.84 -10.64
N LYS B 99 11.62 4.60 -10.32
CA LYS B 99 10.84 3.41 -10.64
C LYS B 99 10.11 2.84 -9.42
N VAL B 100 10.28 3.41 -8.23
CA VAL B 100 9.82 2.76 -7.00
C VAL B 100 8.74 3.60 -6.33
N LYS B 101 7.50 3.09 -6.32
CA LYS B 101 6.36 3.75 -5.69
C LYS B 101 6.13 3.18 -4.28
N VAL B 102 6.01 4.08 -3.31
CA VAL B 102 5.82 3.77 -1.89
C VAL B 102 4.67 4.53 -1.27
N ASN B 103 4.16 3.99 -0.17
CA ASN B 103 3.10 4.58 0.62
C ASN B 103 3.74 5.47 1.70
N VAL B 104 3.34 6.74 1.69
CA VAL B 104 3.89 7.74 2.60
C VAL B 104 3.70 7.41 4.08
N ASN B 105 2.48 7.11 4.50
CA ASN B 105 2.24 6.82 5.90
CA ASN B 105 2.18 6.77 5.87
C ASN B 105 3.03 5.62 6.36
N LEU B 106 3.06 4.55 5.59
CA LEU B 106 3.78 3.36 6.00
C LEU B 106 5.29 3.56 5.92
N LEU B 107 5.76 4.40 4.98
CA LEU B 107 7.18 4.74 4.95
C LEU B 107 7.58 5.50 6.21
N ILE B 108 6.76 6.46 6.66
CA ILE B 108 7.05 7.22 7.87
C ILE B 108 7.20 6.25 9.03
N TYR B 109 6.31 5.27 9.12
CA TYR B 109 6.40 4.27 10.21
C TYR B 109 7.67 3.41 10.09
N LEU B 110 7.96 2.97 8.89
CA LEU B 110 9.15 2.15 8.61
C LEU B 110 10.41 2.90 9.08
N LEU B 111 10.50 4.17 8.77
CA LEU B 111 11.71 4.96 9.08
C LEU B 111 11.79 5.20 10.59
N ASN B 112 10.65 5.25 11.26
CA ASN B 112 10.59 5.70 12.67
CA ASN B 112 10.57 5.70 12.66
C ASN B 112 10.24 4.67 13.76
N LYS B 113 9.79 3.48 13.39
CA LYS B 113 9.34 2.51 14.38
C LYS B 113 10.46 2.12 15.39
N LYS B 114 10.06 1.72 16.60
CA LYS B 114 11.01 1.31 17.65
C LYS B 114 11.89 0.16 17.15
UNK UNX C . 0.54 -11.34 1.44
UNK UNX D . 0.41 -8.43 1.30
UNK UNX E . 1.84 -9.39 -5.54
UNK UNX F . 0.49 0.39 -7.97
UNK UNX G . -1.44 11.10 -4.20
UNK UNX H . 11.82 -11.33 1.40
UNK UNX I . 4.74 -8.29 -12.38
UNK UNX J . 16.86 16.08 3.14
#